data_7YA8
#
_entry.id   7YA8
#
_cell.length_a   64.785
_cell.length_b   137.686
_cell.length_c   163.563
_cell.angle_alpha   90.00
_cell.angle_beta   90.00
_cell.angle_gamma   90.00
#
_symmetry.space_group_name_H-M   'P 21 21 21'
#
loop_
_entity.id
_entity.type
_entity.pdbx_description
1 polymer 'RING-type E3 ubiquitin transferase'
2 water water
#
_entity_poly.entity_id   1
_entity_poly.type   'polypeptide(L)'
_entity_poly.pdbx_seq_one_letter_code
;GPLGSCNEYYLKVWSEWEKNGTPGEQRNIAFNRLKICLQNQEAELNLSELDLKTLPDLPPQITTLEIRKNLLTHLPDLPP
MLKVIHAQFNQLESLPALPETLEELNAGDNKIKELPFLPENLTHLRVHNNRLHILPLLPPELKLLVVSGNRLDSIPPFPD
KLEGLALANNFIEQLPELPFSMNRAVLMNNNLTTLPESVLRLAQNAFVNVAGNPLSGHTMRTLQQITTGPDYSGPRIFFS
MGN
;
_entity_poly.pdbx_strand_id   A,B
#
# COMPACT_ATOMS: atom_id res chain seq x y z
N CYS A 6 44.95 -1.70 1.94
CA CYS A 6 44.00 -1.63 3.08
C CYS A 6 44.10 -0.26 3.72
N ASN A 7 44.34 -0.26 5.04
CA ASN A 7 44.44 0.99 5.82
C ASN A 7 45.09 2.10 5.00
N GLU A 8 46.14 1.76 4.27
CA GLU A 8 46.80 2.74 3.43
C GLU A 8 45.81 3.31 2.41
N TYR A 9 45.13 2.45 1.68
CA TYR A 9 44.26 2.89 0.59
C TYR A 9 42.87 3.33 1.08
N TYR A 10 42.54 3.02 2.32
CA TYR A 10 41.26 3.48 2.89
C TYR A 10 41.30 4.98 3.04
N LEU A 11 42.36 5.48 3.67
CA LEU A 11 42.50 6.92 3.86
C LEU A 11 42.41 7.65 2.52
N LYS A 12 42.80 6.96 1.46
CA LYS A 12 42.69 7.51 0.11
C LYS A 12 41.27 8.00 -0.12
N VAL A 13 40.32 7.06 -0.11
CA VAL A 13 38.93 7.37 -0.47
C VAL A 13 38.23 8.30 0.53
N TRP A 14 38.73 8.35 1.77
CA TRP A 14 38.11 9.20 2.81
C TRP A 14 38.46 10.68 2.63
N SER A 15 39.69 10.97 2.20
CA SER A 15 40.09 12.35 1.94
C SER A 15 39.58 12.81 0.58
N GLU A 16 39.26 11.86 -0.30
CA GLU A 16 38.57 12.16 -1.57
C GLU A 16 37.17 12.63 -1.24
N TRP A 17 36.45 11.77 -0.55
CA TRP A 17 35.10 12.05 -0.13
C TRP A 17 35.05 13.34 0.70
N GLU A 18 36.11 13.59 1.47
CA GLU A 18 36.16 14.76 2.36
C GLU A 18 36.18 16.08 1.57
N LYS A 19 36.71 16.05 0.35
CA LYS A 19 36.83 17.26 -0.47
C LYS A 19 35.49 17.71 -1.04
N ASN A 20 34.66 16.73 -1.42
CA ASN A 20 33.40 17.01 -2.14
C ASN A 20 32.30 17.51 -1.21
N GLY A 21 32.60 17.63 0.08
CA GLY A 21 31.61 18.03 1.08
C GLY A 21 31.00 19.40 0.84
N THR A 22 29.67 19.44 0.74
CA THR A 22 28.93 20.70 0.66
C THR A 22 29.27 21.57 1.87
N PRO A 23 29.15 22.89 1.72
CA PRO A 23 29.42 23.83 2.81
C PRO A 23 28.87 23.36 4.17
N GLY A 24 27.60 22.95 4.20
CA GLY A 24 26.97 22.52 5.44
C GLY A 24 27.64 21.28 6.07
N GLU A 25 27.99 20.30 5.23
CA GLU A 25 28.54 19.03 5.72
C GLU A 25 29.78 19.25 6.56
N GLN A 26 30.02 18.34 7.50
CA GLN A 26 31.18 18.42 8.37
C GLN A 26 32.03 17.19 8.16
N ARG A 27 32.41 16.97 6.91
CA ARG A 27 33.23 15.82 6.54
C ARG A 27 34.61 15.94 7.17
N ASN A 28 34.92 17.14 7.65
CA ASN A 28 36.17 17.38 8.36
C ASN A 28 36.24 16.51 9.63
N ILE A 29 35.24 16.64 10.50
CA ILE A 29 35.21 15.90 11.75
C ILE A 29 34.88 14.42 11.50
N ALA A 30 34.33 14.15 10.32
CA ALA A 30 34.06 12.77 9.91
C ALA A 30 35.38 12.06 9.62
N PHE A 31 36.26 12.75 8.90
CA PHE A 31 37.57 12.19 8.53
C PHE A 31 38.33 11.77 9.78
N ASN A 32 38.31 12.63 10.80
CA ASN A 32 39.00 12.33 12.06
C ASN A 32 38.53 10.99 12.61
N ARG A 33 37.25 10.91 12.93
CA ARG A 33 36.69 9.75 13.60
C ARG A 33 36.79 8.52 12.71
N LEU A 34 36.66 8.71 11.40
CA LEU A 34 36.88 7.63 10.45
C LEU A 34 38.30 7.10 10.60
N LYS A 35 39.25 8.01 10.69
CA LYS A 35 40.64 7.67 10.87
C LYS A 35 40.81 7.03 12.25
N ILE A 36 40.69 7.83 13.30
CA ILE A 36 40.84 7.33 14.67
C ILE A 36 40.23 5.93 14.83
N CYS A 37 39.03 5.75 14.27
CA CYS A 37 38.32 4.47 14.40
C CYS A 37 39.10 3.32 13.80
N LEU A 38 39.89 3.61 12.76
CA LEU A 38 40.69 2.58 12.09
C LEU A 38 42.06 2.42 12.75
N GLN A 39 42.68 3.55 13.09
CA GLN A 39 43.99 3.53 13.79
C GLN A 39 43.96 2.53 14.95
N ASN A 40 43.06 2.76 15.91
CA ASN A 40 42.99 1.94 17.14
C ASN A 40 42.16 0.68 16.92
N GLN A 41 41.46 0.60 15.79
CA GLN A 41 40.61 -0.55 15.48
C GLN A 41 39.39 -0.62 16.40
N GLU A 42 38.91 0.54 16.85
CA GLU A 42 37.74 0.60 17.72
C GLU A 42 36.57 -0.09 17.06
N ALA A 43 35.60 -0.52 17.89
CA ALA A 43 34.46 -1.28 17.40
C ALA A 43 33.25 -0.38 17.08
N GLU A 44 33.25 0.83 17.64
CA GLU A 44 32.15 1.76 17.41
C GLU A 44 32.61 2.98 16.63
N LEU A 45 31.90 3.27 15.54
CA LEU A 45 32.12 4.49 14.78
C LEU A 45 30.92 5.41 14.95
N ASN A 46 31.16 6.67 15.29
CA ASN A 46 30.10 7.61 15.52
C ASN A 46 30.21 8.85 14.63
N LEU A 47 29.33 8.96 13.65
CA LEU A 47 29.31 10.10 12.72
C LEU A 47 27.96 10.78 12.76
N SER A 48 27.31 10.73 13.91
CA SER A 48 25.97 11.25 14.05
C SER A 48 25.94 12.78 14.25
N GLU A 49 25.05 13.44 13.52
CA GLU A 49 24.84 14.88 13.67
C GLU A 49 25.93 15.68 12.98
N LEU A 50 26.43 15.14 11.88
CA LEU A 50 27.48 15.81 11.11
C LEU A 50 26.96 16.29 9.77
N ASP A 51 25.65 16.43 9.66
CA ASP A 51 25.01 16.94 8.45
C ASP A 51 25.50 16.24 7.18
N LEU A 52 26.08 15.05 7.33
CA LEU A 52 26.63 14.32 6.18
C LEU A 52 25.53 13.97 5.16
N LYS A 53 25.84 14.17 3.88
CA LYS A 53 24.89 13.87 2.81
C LYS A 53 25.19 12.54 2.13
N THR A 54 26.39 12.02 2.32
CA THR A 54 26.77 10.70 1.81
C THR A 54 27.80 10.06 2.73
N LEU A 55 28.16 8.81 2.44
CA LEU A 55 29.17 8.10 3.22
C LEU A 55 30.07 7.25 2.33
N PRO A 56 31.37 7.24 2.63
CA PRO A 56 32.35 6.41 1.97
C PRO A 56 32.48 5.06 2.68
N ASP A 57 32.97 4.05 1.97
CA ASP A 57 33.11 2.71 2.57
C ASP A 57 33.65 2.82 4.00
N LEU A 58 33.20 1.94 4.87
CA LEU A 58 33.44 2.09 6.30
C LEU A 58 34.50 1.13 6.80
N PRO A 59 35.03 1.40 8.02
CA PRO A 59 35.99 0.56 8.77
C PRO A 59 35.45 -0.85 9.05
N PRO A 60 35.95 -1.86 8.31
CA PRO A 60 35.44 -3.25 8.33
C PRO A 60 35.33 -3.90 9.72
N GLN A 61 36.09 -3.41 10.69
CA GLN A 61 36.16 -4.05 12.01
C GLN A 61 35.02 -3.67 12.97
N ILE A 62 34.34 -2.57 12.68
CA ILE A 62 33.31 -2.08 13.61
C ILE A 62 32.16 -3.06 13.76
N THR A 63 31.55 -3.00 14.94
CA THR A 63 30.40 -3.84 15.27
C THR A 63 29.17 -2.96 15.61
N THR A 64 29.41 -1.67 15.81
CA THR A 64 28.33 -0.72 16.02
C THR A 64 28.52 0.49 15.12
N LEU A 65 27.44 0.97 14.52
CA LEU A 65 27.50 2.10 13.58
C LEU A 65 26.43 3.15 13.88
N GLU A 66 26.86 4.29 14.43
CA GLU A 66 25.96 5.39 14.73
C GLU A 66 26.08 6.49 13.67
N ILE A 67 25.01 6.71 12.93
CA ILE A 67 25.02 7.68 11.84
C ILE A 67 23.67 8.38 11.75
N ARG A 68 23.06 8.63 12.90
CA ARG A 68 21.73 9.19 12.95
C ARG A 68 21.73 10.71 12.75
N LYS A 69 20.54 11.25 12.53
CA LYS A 69 20.37 12.69 12.41
C LYS A 69 21.32 13.31 11.38
N ASN A 70 21.52 12.60 10.29
CA ASN A 70 22.28 13.14 9.18
C ASN A 70 21.35 13.38 8.00
N LEU A 71 21.91 13.48 6.80
CA LEU A 71 21.11 13.72 5.61
C LEU A 71 21.29 12.61 4.59
N LEU A 72 21.81 11.48 5.06
CA LEU A 72 22.07 10.33 4.19
C LEU A 72 20.82 9.89 3.46
N THR A 73 20.94 9.68 2.16
CA THR A 73 19.82 9.26 1.34
C THR A 73 20.00 7.80 0.95
N HIS A 74 21.25 7.35 0.93
CA HIS A 74 21.57 5.96 0.67
C HIS A 74 22.76 5.59 1.53
N LEU A 75 23.04 4.29 1.64
CA LEU A 75 24.16 3.83 2.44
C LEU A 75 25.17 2.98 1.66
N PRO A 76 26.44 3.07 2.04
CA PRO A 76 27.46 2.24 1.47
C PRO A 76 27.35 0.86 2.03
N ASP A 77 27.76 -0.14 1.28
CA ASP A 77 27.78 -1.50 1.81
C ASP A 77 28.24 -1.43 3.28
N LEU A 78 27.70 -2.29 4.11
CA LEU A 78 28.01 -2.25 5.53
C LEU A 78 29.09 -3.26 5.88
N PRO A 79 29.92 -2.92 6.88
CA PRO A 79 30.88 -3.87 7.47
C PRO A 79 30.25 -5.23 7.68
N PRO A 80 31.03 -6.29 7.46
CA PRO A 80 30.44 -7.61 7.47
C PRO A 80 30.34 -8.20 8.87
N MET A 81 30.79 -7.47 9.87
CA MET A 81 30.76 -7.98 11.24
C MET A 81 29.98 -7.03 12.13
N LEU A 82 29.16 -6.21 11.50
CA LEU A 82 28.34 -5.24 12.21
C LEU A 82 27.22 -5.95 12.97
N LYS A 83 26.91 -5.45 14.16
CA LYS A 83 25.84 -6.03 14.99
C LYS A 83 24.71 -5.03 15.25
N VAL A 84 25.02 -3.74 15.10
CA VAL A 84 24.09 -2.69 15.46
C VAL A 84 24.17 -1.49 14.49
N ILE A 85 23.01 -0.99 14.08
CA ILE A 85 22.92 0.24 13.28
C ILE A 85 21.96 1.23 13.90
N HIS A 86 22.36 2.49 13.89
CA HIS A 86 21.51 3.57 14.37
C HIS A 86 21.46 4.67 13.31
N ALA A 87 20.52 4.55 12.36
CA ALA A 87 20.47 5.44 11.19
C ALA A 87 19.20 6.30 11.15
N GLN A 88 18.63 6.57 12.31
CA GLN A 88 17.40 7.31 12.36
C GLN A 88 17.58 8.74 11.85
N PHE A 89 16.48 9.34 11.44
CA PHE A 89 16.47 10.74 11.10
C PHE A 89 17.40 11.08 9.93
N ASN A 90 17.28 10.30 8.87
CA ASN A 90 17.98 10.59 7.63
C ASN A 90 16.95 10.73 6.51
N GLN A 91 17.39 10.61 5.27
CA GLN A 91 16.49 10.63 4.12
C GLN A 91 16.50 9.29 3.42
N LEU A 92 16.97 8.27 4.12
CA LEU A 92 17.18 6.96 3.54
C LEU A 92 15.99 6.46 2.74
N GLU A 93 16.21 6.18 1.47
CA GLU A 93 15.16 5.65 0.61
C GLU A 93 15.36 4.16 0.43
N SER A 94 16.60 3.72 0.62
CA SER A 94 16.96 2.33 0.44
C SER A 94 17.81 1.88 1.59
N LEU A 95 18.16 0.61 1.61
CA LEU A 95 19.14 0.09 2.56
C LEU A 95 20.02 -0.95 1.89
N PRO A 96 21.29 -0.96 2.24
CA PRO A 96 22.19 -1.94 1.68
C PRO A 96 21.86 -3.30 2.25
N ALA A 97 22.37 -4.36 1.63
CA ALA A 97 22.20 -5.71 2.18
C ALA A 97 22.70 -5.71 3.62
N LEU A 98 22.12 -6.59 4.44
CA LEU A 98 22.44 -6.62 5.85
C LEU A 98 23.34 -7.81 6.20
N PRO A 99 24.36 -7.56 7.02
CA PRO A 99 25.25 -8.62 7.48
C PRO A 99 24.53 -9.63 8.34
N GLU A 100 24.90 -10.90 8.22
CA GLU A 100 24.33 -11.92 9.08
C GLU A 100 24.48 -11.55 10.54
N THR A 101 25.55 -10.83 10.85
CA THR A 101 25.88 -10.49 12.24
C THR A 101 24.95 -9.42 12.84
N LEU A 102 24.02 -8.90 12.05
CA LEU A 102 23.17 -7.80 12.48
C LEU A 102 22.16 -8.25 13.54
N GLU A 103 22.06 -7.46 14.61
CA GLU A 103 21.12 -7.76 15.71
C GLU A 103 20.11 -6.62 15.89
N GLU A 104 20.61 -5.39 15.94
CA GLU A 104 19.76 -4.20 16.00
C GLU A 104 19.82 -3.43 14.70
N LEU A 105 18.67 -3.06 14.18
CA LEU A 105 18.59 -2.24 12.99
C LEU A 105 17.55 -1.18 13.20
N ASN A 106 18.00 0.06 13.42
CA ASN A 106 17.07 1.17 13.72
C ASN A 106 17.19 2.24 12.67
N ALA A 107 16.18 2.33 11.80
CA ALA A 107 16.19 3.30 10.72
C ALA A 107 14.92 4.14 10.78
N GLY A 108 14.52 4.52 11.98
CA GLY A 108 13.33 5.32 12.16
C GLY A 108 13.40 6.66 11.44
N ASP A 109 12.24 7.16 11.01
CA ASP A 109 12.12 8.53 10.50
C ASP A 109 12.87 8.78 9.20
N ASN A 110 12.90 7.77 8.35
CA ASN A 110 13.48 7.90 7.03
C ASN A 110 12.37 7.87 5.98
N LYS A 111 12.68 7.39 4.77
CA LYS A 111 11.70 7.33 3.70
C LYS A 111 11.74 5.99 2.98
N ILE A 112 12.17 4.96 3.68
CA ILE A 112 12.35 3.65 3.09
C ILE A 112 11.00 3.06 2.66
N LYS A 113 10.99 2.36 1.54
CA LYS A 113 9.77 1.69 1.08
C LYS A 113 9.86 0.17 1.21
N GLU A 114 11.00 -0.39 0.84
CA GLU A 114 11.20 -1.83 0.98
C GLU A 114 12.44 -2.08 1.80
N LEU A 115 12.37 -3.07 2.66
CA LEU A 115 13.54 -3.49 3.39
C LEU A 115 14.22 -4.63 2.64
N PRO A 116 15.51 -4.83 2.89
CA PRO A 116 16.24 -6.00 2.39
C PRO A 116 15.93 -7.25 3.23
N PHE A 117 16.35 -8.43 2.74
CA PHE A 117 16.16 -9.64 3.52
C PHE A 117 16.83 -9.45 4.87
N LEU A 118 16.30 -10.11 5.88
CA LEU A 118 16.74 -9.85 7.23
C LEU A 118 17.54 -11.02 7.80
N PRO A 119 18.68 -10.72 8.40
CA PRO A 119 19.50 -11.75 9.04
C PRO A 119 18.71 -12.55 10.03
N GLU A 120 18.95 -13.85 10.09
CA GLU A 120 18.26 -14.70 11.05
C GLU A 120 18.61 -14.31 12.49
N ASN A 121 19.75 -13.64 12.66
CA ASN A 121 20.23 -13.27 13.99
C ASN A 121 19.67 -11.92 14.46
N LEU A 122 18.77 -11.36 13.68
CA LEU A 122 18.18 -10.07 14.01
C LEU A 122 17.25 -10.23 15.19
N THR A 123 17.40 -9.35 16.19
CA THR A 123 16.56 -9.41 17.41
C THR A 123 15.64 -8.18 17.55
N HIS A 124 16.14 -7.01 17.17
CA HIS A 124 15.40 -5.75 17.31
C HIS A 124 15.33 -4.99 15.96
N LEU A 125 14.12 -4.64 15.55
CA LEU A 125 13.94 -3.94 14.29
C LEU A 125 12.99 -2.74 14.45
N ARG A 126 13.54 -1.54 14.35
CA ARG A 126 12.76 -0.33 14.52
C ARG A 126 12.81 0.54 13.26
N VAL A 127 11.83 0.35 12.39
CA VAL A 127 11.75 1.11 11.15
C VAL A 127 10.42 1.81 11.07
N HIS A 128 10.11 2.61 12.08
CA HIS A 128 8.89 3.40 12.09
C HIS A 128 9.03 4.63 11.19
N ASN A 129 7.92 5.32 10.99
CA ASN A 129 7.93 6.56 10.24
C ASN A 129 8.76 6.47 8.97
N ASN A 130 8.49 5.45 8.18
CA ASN A 130 9.08 5.33 6.86
C ASN A 130 7.95 5.26 5.86
N ARG A 131 8.10 4.44 4.82
CA ARG A 131 7.07 4.28 3.78
C ARG A 131 6.89 2.83 3.37
N LEU A 132 7.21 1.92 4.29
CA LEU A 132 7.11 0.51 4.01
C LEU A 132 5.74 0.16 3.54
N HIS A 133 5.66 -0.36 2.30
CA HIS A 133 4.39 -0.81 1.75
C HIS A 133 4.22 -2.31 2.01
N ILE A 134 5.29 -2.95 2.43
CA ILE A 134 5.31 -4.39 2.63
C ILE A 134 6.43 -4.74 3.62
N LEU A 135 6.41 -5.95 4.16
CA LEU A 135 7.49 -6.39 5.03
C LEU A 135 8.10 -7.67 4.52
N PRO A 136 9.41 -7.83 4.72
CA PRO A 136 10.05 -9.08 4.41
C PRO A 136 9.72 -10.10 5.47
N LEU A 137 9.88 -11.38 5.15
CA LEU A 137 9.66 -12.41 6.14
C LEU A 137 10.47 -12.08 7.38
N LEU A 138 9.90 -12.35 8.55
CA LEU A 138 10.53 -11.97 9.82
C LEU A 138 11.43 -13.09 10.37
N PRO A 139 12.63 -12.72 10.86
CA PRO A 139 13.62 -13.65 11.43
C PRO A 139 13.11 -14.32 12.67
N PRO A 140 13.52 -15.56 12.90
CA PRO A 140 13.05 -16.32 14.06
C PRO A 140 13.47 -15.71 15.39
N GLU A 141 14.71 -15.24 15.48
CA GLU A 141 15.24 -14.76 16.74
C GLU A 141 14.86 -13.31 17.00
N LEU A 142 13.92 -12.80 16.21
CA LEU A 142 13.44 -11.42 16.36
C LEU A 142 12.62 -11.28 17.63
N LYS A 143 12.90 -10.23 18.40
CA LYS A 143 12.26 -10.00 19.71
C LYS A 143 11.34 -8.76 19.75
N LEU A 144 11.65 -7.76 18.94
CA LEU A 144 10.87 -6.55 18.91
C LEU A 144 10.67 -6.06 17.48
N LEU A 145 9.44 -5.74 17.12
CA LEU A 145 9.15 -5.25 15.79
C LEU A 145 8.36 -3.97 15.87
N VAL A 146 8.95 -2.88 15.38
CA VAL A 146 8.33 -1.58 15.45
C VAL A 146 8.23 -0.94 14.09
N VAL A 147 7.10 -1.10 13.44
CA VAL A 147 6.95 -0.57 12.10
C VAL A 147 5.83 0.42 12.03
N SER A 148 5.57 1.10 13.15
CA SER A 148 4.49 2.07 13.19
C SER A 148 4.70 3.16 12.14
N GLY A 149 3.61 3.80 11.72
CA GLY A 149 3.69 4.94 10.80
C GLY A 149 4.25 4.64 9.41
N ASN A 150 3.82 3.54 8.83
CA ASN A 150 4.22 3.20 7.48
C ASN A 150 2.99 3.05 6.60
N ARG A 151 3.13 2.35 5.48
CA ARG A 151 2.03 2.18 4.54
C ARG A 151 1.61 0.74 4.46
N LEU A 152 1.87 0.00 5.53
CA LEU A 152 1.53 -1.42 5.57
C LEU A 152 0.00 -1.64 5.56
N ASP A 153 -0.46 -2.60 4.78
CA ASP A 153 -1.85 -3.00 4.82
C ASP A 153 -1.99 -4.51 5.06
N SER A 154 -0.85 -5.20 5.10
CA SER A 154 -0.81 -6.61 5.43
C SER A 154 0.51 -6.85 6.08
N ILE A 155 0.65 -7.98 6.75
CA ILE A 155 1.86 -8.23 7.50
C ILE A 155 2.08 -9.73 7.68
N PRO A 156 3.33 -10.19 7.49
CA PRO A 156 3.63 -11.63 7.54
C PRO A 156 3.52 -12.22 8.92
N PRO A 157 3.60 -13.55 9.01
CA PRO A 157 3.49 -14.26 10.26
C PRO A 157 4.58 -13.86 11.21
N PHE A 158 4.27 -13.87 12.51
CA PHE A 158 5.24 -13.49 13.51
C PHE A 158 6.07 -14.69 13.93
N PRO A 159 7.31 -14.46 14.35
CA PRO A 159 8.17 -15.47 14.95
C PRO A 159 7.71 -15.88 16.33
N ASP A 160 8.27 -16.97 16.85
CA ASP A 160 7.85 -17.56 18.12
C ASP A 160 8.26 -16.74 19.31
N LYS A 161 9.38 -16.03 19.18
CA LYS A 161 10.01 -15.41 20.32
C LYS A 161 9.71 -13.91 20.40
N LEU A 162 8.90 -13.41 19.47
CA LEU A 162 8.52 -11.99 19.47
C LEU A 162 7.77 -11.62 20.77
N GLU A 163 8.26 -10.59 21.47
CA GLU A 163 7.63 -10.13 22.73
C GLU A 163 6.99 -8.75 22.57
N GLY A 164 7.46 -7.95 21.62
CA GLY A 164 6.99 -6.58 21.45
C GLY A 164 6.70 -6.22 20.00
N LEU A 165 5.55 -5.56 19.77
CA LEU A 165 5.07 -5.31 18.42
C LEU A 165 4.37 -3.97 18.32
N ALA A 166 4.72 -3.18 17.31
CA ALA A 166 4.08 -1.88 17.08
C ALA A 166 3.71 -1.69 15.60
N LEU A 167 2.42 -1.78 15.30
CA LEU A 167 1.91 -1.65 13.94
C LEU A 167 1.05 -0.41 13.82
N ALA A 168 1.25 0.54 14.72
CA ALA A 168 0.43 1.71 14.78
C ALA A 168 0.45 2.52 13.48
N ASN A 169 -0.64 3.23 13.23
CA ASN A 169 -0.74 4.12 12.09
C ASN A 169 -0.25 3.46 10.83
N ASN A 170 -0.96 2.42 10.45
CA ASN A 170 -0.77 1.81 9.17
C ASN A 170 -2.16 1.50 8.60
N PHE A 171 -2.21 0.99 7.38
CA PHE A 171 -3.48 0.71 6.74
C PHE A 171 -3.83 -0.78 6.80
N ILE A 172 -3.50 -1.39 7.93
CA ILE A 172 -3.61 -2.84 8.08
C ILE A 172 -5.07 -3.32 8.17
N GLU A 173 -5.40 -4.31 7.35
CA GLU A 173 -6.76 -4.83 7.30
C GLU A 173 -6.92 -6.07 8.17
N GLN A 174 -5.88 -6.90 8.24
CA GLN A 174 -5.93 -8.13 9.03
C GLN A 174 -4.65 -8.37 9.84
N LEU A 175 -4.78 -9.16 10.90
CA LEU A 175 -3.69 -9.35 11.84
C LEU A 175 -3.39 -10.84 12.05
N PRO A 176 -2.18 -11.27 11.69
CA PRO A 176 -1.81 -12.66 11.89
C PRO A 176 -2.00 -13.09 13.33
N GLU A 177 -1.97 -14.39 13.57
CA GLU A 177 -2.07 -14.91 14.91
C GLU A 177 -0.87 -14.41 15.70
N LEU A 178 -1.12 -13.97 16.93
CA LEU A 178 -0.04 -13.53 17.81
C LEU A 178 0.52 -14.71 18.56
N PRO A 179 1.84 -14.80 18.66
CA PRO A 179 2.48 -15.83 19.47
C PRO A 179 2.22 -15.59 20.94
N PHE A 180 2.36 -16.64 21.75
CA PHE A 180 2.11 -16.53 23.19
C PHE A 180 3.13 -15.59 23.86
N SER A 181 4.32 -15.51 23.26
CA SER A 181 5.39 -14.69 23.81
C SER A 181 5.00 -13.21 23.87
N MET A 182 4.06 -12.81 23.01
CA MET A 182 3.64 -11.43 22.92
C MET A 182 3.36 -10.84 24.30
N ASN A 183 3.88 -9.64 24.52
CA ASN A 183 3.69 -8.95 25.77
C ASN A 183 3.02 -7.61 25.54
N ARG A 184 3.59 -6.83 24.63
CA ARG A 184 2.99 -5.56 24.21
C ARG A 184 2.68 -5.59 22.73
N ALA A 185 1.47 -5.21 22.38
CA ALA A 185 1.06 -5.13 21.00
C ALA A 185 0.32 -3.85 20.78
N VAL A 186 0.89 -2.96 19.99
CA VAL A 186 0.25 -1.71 19.64
C VAL A 186 -0.23 -1.79 18.20
N LEU A 187 -1.53 -1.79 18.02
CA LEU A 187 -2.11 -2.02 16.73
C LEU A 187 -3.05 -0.90 16.38
N MET A 188 -2.72 0.29 16.85
CA MET A 188 -3.63 1.41 16.80
C MET A 188 -3.83 1.96 15.41
N ASN A 189 -4.95 2.66 15.24
CA ASN A 189 -5.25 3.38 14.04
C ASN A 189 -4.95 2.56 12.81
N ASN A 190 -5.59 1.40 12.72
CA ASN A 190 -5.50 0.55 11.54
C ASN A 190 -6.92 0.25 11.05
N ASN A 191 -7.04 -0.65 10.09
CA ASN A 191 -8.35 -0.96 9.50
C ASN A 191 -8.88 -2.35 9.92
N LEU A 192 -8.60 -2.71 11.17
CA LEU A 192 -9.04 -3.98 11.69
C LEU A 192 -10.54 -3.97 12.02
N THR A 193 -11.25 -4.98 11.54
CA THR A 193 -12.67 -5.15 11.89
C THR A 193 -12.86 -6.39 12.74
N THR A 194 -11.81 -7.19 12.85
CA THR A 194 -11.84 -8.40 13.65
C THR A 194 -10.54 -8.51 14.46
N LEU A 195 -10.36 -9.65 15.11
CA LEU A 195 -9.13 -9.93 15.86
C LEU A 195 -8.90 -11.42 15.95
N PRO A 196 -7.73 -11.89 15.52
CA PRO A 196 -7.41 -13.31 15.64
C PRO A 196 -7.72 -13.82 17.05
N GLU A 197 -8.17 -15.06 17.15
CA GLU A 197 -8.62 -15.60 18.44
C GLU A 197 -7.48 -15.67 19.43
N SER A 198 -6.28 -15.63 18.91
CA SER A 198 -5.11 -15.76 19.74
C SER A 198 -4.99 -14.67 20.77
N VAL A 199 -5.38 -13.43 20.41
CA VAL A 199 -5.18 -12.28 21.33
C VAL A 199 -5.76 -12.58 22.71
N LEU A 200 -6.81 -13.38 22.74
CA LEU A 200 -7.46 -13.76 23.99
C LEU A 200 -6.64 -14.79 24.74
N ARG A 201 -5.89 -15.61 24.01
CA ARG A 201 -5.12 -16.71 24.60
C ARG A 201 -3.75 -16.25 25.14
N LEU A 202 -3.49 -14.95 25.06
CA LEU A 202 -2.22 -14.38 25.52
C LEU A 202 -2.09 -14.44 27.02
N ALA A 203 -0.87 -14.18 27.51
CA ALA A 203 -0.62 -14.14 28.95
C ALA A 203 -1.46 -13.05 29.60
N GLN A 204 -1.72 -13.18 30.90
CA GLN A 204 -2.65 -12.28 31.60
C GLN A 204 -2.02 -10.93 31.91
N ASN A 205 -0.70 -10.89 31.92
CA ASN A 205 0.01 -9.65 32.18
C ASN A 205 0.19 -8.87 30.87
N ALA A 206 -0.17 -9.50 29.76
CA ALA A 206 0.02 -8.90 28.44
C ALA A 206 -0.90 -7.73 28.22
N PHE A 207 -0.64 -6.99 27.14
CA PHE A 207 -1.43 -5.82 26.83
C PHE A 207 -1.58 -5.63 25.32
N VAL A 208 -2.80 -5.39 24.88
CA VAL A 208 -3.06 -5.19 23.49
C VAL A 208 -3.81 -3.87 23.30
N ASN A 209 -3.35 -3.07 22.36
CA ASN A 209 -3.97 -1.78 22.10
C ASN A 209 -4.54 -1.73 20.70
N VAL A 210 -5.85 -1.78 20.59
CA VAL A 210 -6.51 -1.78 19.31
C VAL A 210 -7.41 -0.57 19.17
N ALA A 211 -7.00 0.53 19.75
CA ALA A 211 -7.72 1.78 19.57
C ALA A 211 -7.65 2.18 18.08
N GLY A 212 -8.56 3.04 17.66
CA GLY A 212 -8.51 3.57 16.32
C GLY A 212 -9.03 2.62 15.26
N ASN A 213 -9.06 1.34 15.57
CA ASN A 213 -9.58 0.35 14.63
C ASN A 213 -11.10 0.34 14.63
N PRO A 214 -11.68 0.00 13.50
CA PRO A 214 -13.11 -0.12 13.33
C PRO A 214 -13.62 -1.53 13.59
N LEU A 215 -13.28 -2.09 14.75
CA LEU A 215 -13.72 -3.44 15.08
C LEU A 215 -15.23 -3.58 14.88
N SER A 216 -15.65 -4.72 14.32
CA SER A 216 -17.05 -4.95 14.03
C SER A 216 -17.85 -5.08 15.31
N GLY A 217 -19.10 -4.62 15.29
CA GLY A 217 -19.99 -4.77 16.42
C GLY A 217 -19.92 -6.17 17.01
N HIS A 218 -19.94 -7.18 16.14
CA HIS A 218 -19.86 -8.56 16.60
C HIS A 218 -18.57 -8.78 17.40
N THR A 219 -17.44 -8.43 16.80
CA THR A 219 -16.14 -8.60 17.48
C THR A 219 -16.22 -8.01 18.90
N MET A 220 -16.81 -6.84 19.02
CA MET A 220 -16.87 -6.16 20.27
C MET A 220 -17.66 -6.95 21.30
N ARG A 221 -18.91 -7.28 20.99
CA ARG A 221 -19.73 -8.04 21.91
C ARG A 221 -19.09 -9.40 22.24
N THR A 222 -18.43 -9.99 21.25
CA THR A 222 -17.68 -11.23 21.45
C THR A 222 -16.69 -11.05 22.59
N LEU A 223 -15.85 -10.01 22.46
CA LEU A 223 -14.81 -9.70 23.45
C LEU A 223 -15.43 -9.31 24.78
N GLN A 224 -16.42 -8.43 24.74
CA GLN A 224 -17.08 -7.96 25.95
C GLN A 224 -17.51 -9.13 26.80
N GLN A 225 -18.01 -10.17 26.16
CA GLN A 225 -18.51 -11.33 26.87
C GLN A 225 -17.38 -12.18 27.41
N ILE A 226 -16.44 -12.55 26.55
CA ILE A 226 -15.33 -13.43 26.97
C ILE A 226 -14.47 -12.80 28.08
N THR A 227 -14.13 -11.51 27.94
CA THR A 227 -13.19 -10.86 28.88
C THR A 227 -13.84 -10.58 30.20
N THR A 228 -15.17 -10.57 30.21
CA THR A 228 -15.91 -10.31 31.45
C THR A 228 -16.27 -11.60 32.14
N GLY A 229 -15.96 -12.72 31.51
CA GLY A 229 -16.19 -14.04 32.11
C GLY A 229 -15.39 -14.19 33.38
N PRO A 230 -15.79 -15.16 34.22
CA PRO A 230 -15.16 -15.27 35.52
C PRO A 230 -13.84 -16.00 35.44
N ASP A 231 -13.56 -16.61 34.29
CA ASP A 231 -12.35 -17.42 34.15
C ASP A 231 -11.36 -16.83 33.16
N TYR A 232 -11.68 -15.65 32.64
CA TYR A 232 -10.81 -15.02 31.64
C TYR A 232 -9.48 -14.67 32.25
N SER A 233 -8.43 -15.31 31.74
CA SER A 233 -7.08 -15.03 32.19
C SER A 233 -6.25 -14.51 31.01
N GLY A 234 -6.89 -13.68 30.19
CA GLY A 234 -6.24 -13.08 29.03
C GLY A 234 -5.69 -11.69 29.32
N PRO A 235 -5.28 -10.98 28.28
CA PRO A 235 -4.64 -9.68 28.45
C PRO A 235 -5.62 -8.57 28.62
N ARG A 236 -5.13 -7.38 28.92
CA ARG A 236 -5.96 -6.19 28.93
C ARG A 236 -5.97 -5.64 27.54
N ILE A 237 -7.14 -5.26 27.07
CA ILE A 237 -7.27 -4.74 25.72
C ILE A 237 -7.82 -3.32 25.75
N PHE A 238 -7.20 -2.44 24.97
CA PHE A 238 -7.51 -1.02 25.01
C PHE A 238 -8.23 -0.57 23.71
N PHE A 239 -9.40 0.06 23.85
CA PHE A 239 -10.23 0.45 22.70
C PHE A 239 -10.52 1.94 22.71
N SER A 240 -11.22 2.41 21.68
CA SER A 240 -11.67 3.79 21.62
C SER A 240 -13.06 3.90 20.93
N MET A 241 -13.65 5.09 20.98
CA MET A 241 -14.93 5.35 20.31
C MET A 241 -14.96 6.80 19.76
N GLY A 242 -15.60 6.99 18.60
CA GLY A 242 -15.72 8.35 18.03
C GLY A 242 -14.39 9.00 17.70
N GLY B 1 -31.48 -26.06 -33.46
CA GLY B 1 -30.36 -26.66 -34.25
C GLY B 1 -29.08 -26.74 -33.44
N PRO B 2 -28.30 -25.65 -33.43
CA PRO B 2 -27.11 -25.59 -32.61
C PRO B 2 -27.33 -24.94 -31.24
N LEU B 3 -28.52 -24.34 -31.03
CA LEU B 3 -28.80 -23.57 -29.80
C LEU B 3 -29.22 -24.47 -28.62
N GLY B 4 -30.19 -25.35 -28.85
CA GLY B 4 -30.72 -26.21 -27.78
C GLY B 4 -29.71 -27.24 -27.28
N SER B 5 -28.52 -27.25 -27.87
CA SER B 5 -27.47 -28.21 -27.49
C SER B 5 -26.71 -27.73 -26.27
N CYS B 6 -26.19 -26.50 -26.37
CA CYS B 6 -25.36 -25.91 -25.30
C CYS B 6 -26.17 -25.64 -24.04
N ASN B 7 -27.33 -25.01 -24.21
CA ASN B 7 -28.20 -24.65 -23.08
C ASN B 7 -28.38 -25.81 -22.09
N GLU B 8 -28.22 -27.03 -22.59
CA GLU B 8 -28.28 -28.20 -21.73
C GLU B 8 -27.00 -28.27 -20.89
N TYR B 9 -25.86 -27.99 -21.52
CA TYR B 9 -24.55 -28.14 -20.88
C TYR B 9 -24.21 -26.98 -19.95
N TYR B 10 -24.86 -25.83 -20.18
CA TYR B 10 -24.78 -24.73 -19.23
C TYR B 10 -25.59 -25.09 -18.00
N LEU B 11 -26.87 -25.41 -18.21
CA LEU B 11 -27.76 -25.83 -17.13
C LEU B 11 -27.16 -27.00 -16.33
N LYS B 12 -26.35 -27.82 -16.99
CA LYS B 12 -25.71 -28.95 -16.34
C LYS B 12 -24.86 -28.48 -15.18
N VAL B 13 -23.91 -27.60 -15.47
CA VAL B 13 -23.00 -27.10 -14.47
C VAL B 13 -23.71 -26.17 -13.49
N TRP B 14 -24.60 -25.32 -14.00
CA TRP B 14 -25.35 -24.42 -13.13
C TRP B 14 -26.10 -25.23 -12.08
N SER B 15 -26.63 -26.38 -12.49
CA SER B 15 -27.32 -27.24 -11.55
C SER B 15 -26.35 -27.76 -10.51
N GLU B 16 -25.27 -28.42 -10.98
CA GLU B 16 -24.25 -28.97 -10.08
C GLU B 16 -23.59 -27.86 -9.26
N TRP B 17 -23.70 -26.64 -9.78
CA TRP B 17 -23.20 -25.47 -9.09
C TRP B 17 -24.06 -25.22 -7.85
N GLU B 18 -25.35 -24.92 -8.05
CA GLU B 18 -26.26 -24.62 -6.94
C GLU B 18 -26.24 -25.69 -5.85
N LYS B 19 -26.15 -26.94 -6.27
CA LYS B 19 -26.13 -28.05 -5.35
C LYS B 19 -24.86 -28.00 -4.48
N ASN B 20 -23.82 -27.34 -4.98
CA ASN B 20 -22.54 -27.28 -4.25
C ASN B 20 -22.33 -25.91 -3.54
N GLY B 21 -23.41 -25.18 -3.30
CA GLY B 21 -23.33 -23.88 -2.64
C GLY B 21 -23.21 -23.99 -1.12
N THR B 22 -22.92 -22.86 -0.47
CA THR B 22 -22.88 -22.79 1.00
C THR B 22 -24.22 -22.30 1.53
N PRO B 23 -24.51 -22.60 2.80
CA PRO B 23 -25.77 -22.22 3.42
C PRO B 23 -26.21 -20.79 3.11
N GLY B 24 -25.35 -19.83 3.45
CA GLY B 24 -25.66 -18.41 3.23
C GLY B 24 -25.91 -18.05 1.76
N GLU B 25 -25.14 -18.65 0.86
CA GLU B 25 -25.24 -18.33 -0.57
C GLU B 25 -26.65 -18.59 -1.07
N GLN B 26 -27.17 -17.67 -1.90
CA GLN B 26 -28.51 -17.81 -2.48
C GLN B 26 -28.41 -18.28 -3.94
N ARG B 27 -27.64 -19.35 -4.17
CA ARG B 27 -27.40 -19.84 -5.54
C ARG B 27 -28.69 -20.29 -6.21
N ASN B 28 -29.68 -20.67 -5.41
CA ASN B 28 -30.97 -21.09 -5.94
C ASN B 28 -31.56 -20.01 -6.84
N ILE B 29 -31.69 -18.79 -6.32
CA ILE B 29 -32.27 -17.67 -7.07
C ILE B 29 -31.40 -17.34 -8.28
N ALA B 30 -30.11 -17.60 -8.17
CA ALA B 30 -29.18 -17.38 -9.27
C ALA B 30 -29.56 -18.27 -10.45
N PHE B 31 -29.81 -19.54 -10.15
CA PHE B 31 -30.12 -20.52 -11.19
C PHE B 31 -31.21 -20.00 -12.11
N ASN B 32 -32.26 -19.45 -11.51
CA ASN B 32 -33.38 -18.91 -12.29
C ASN B 32 -32.88 -17.80 -13.18
N ARG B 33 -32.35 -16.76 -12.58
CA ARG B 33 -31.85 -15.62 -13.32
C ARG B 33 -30.88 -16.06 -14.40
N LEU B 34 -30.00 -17.01 -14.04
CA LEU B 34 -29.05 -17.58 -15.01
C LEU B 34 -29.78 -18.21 -16.18
N LYS B 35 -30.77 -19.04 -15.88
CA LYS B 35 -31.55 -19.73 -16.91
C LYS B 35 -32.44 -18.73 -17.67
N ILE B 36 -33.19 -17.92 -16.93
CA ILE B 36 -34.11 -16.96 -17.54
C ILE B 36 -33.39 -15.99 -18.46
N CYS B 37 -32.14 -15.68 -18.12
CA CYS B 37 -31.32 -14.81 -18.95
C CYS B 37 -30.95 -15.52 -20.24
N LEU B 38 -30.63 -16.80 -20.13
CA LEU B 38 -30.24 -17.61 -21.29
C LEU B 38 -31.46 -17.96 -22.15
N GLN B 39 -32.62 -18.07 -21.51
CA GLN B 39 -33.86 -18.47 -22.18
C GLN B 39 -34.28 -17.51 -23.30
N ASN B 40 -34.27 -16.20 -23.01
CA ASN B 40 -34.67 -15.19 -23.99
C ASN B 40 -33.44 -14.55 -24.63
N GLN B 41 -32.28 -15.14 -24.38
CA GLN B 41 -31.01 -14.55 -24.85
C GLN B 41 -30.93 -13.10 -24.38
N GLU B 42 -31.25 -12.89 -23.11
CA GLU B 42 -31.34 -11.55 -22.53
C GLU B 42 -29.98 -10.84 -22.60
N ALA B 43 -30.01 -9.51 -22.54
CA ALA B 43 -28.79 -8.69 -22.66
C ALA B 43 -28.10 -8.48 -21.31
N GLU B 44 -28.89 -8.34 -20.25
CA GLU B 44 -28.34 -8.08 -18.93
C GLU B 44 -28.58 -9.24 -17.96
N LEU B 45 -27.50 -9.67 -17.30
CA LEU B 45 -27.58 -10.64 -16.20
C LEU B 45 -27.33 -9.90 -14.90
N ASN B 46 -28.09 -10.23 -13.87
CA ASN B 46 -27.96 -9.54 -12.60
C ASN B 46 -27.93 -10.48 -11.40
N LEU B 47 -26.79 -10.57 -10.74
CA LEU B 47 -26.64 -11.40 -9.54
C LEU B 47 -26.19 -10.55 -8.33
N SER B 48 -26.76 -9.34 -8.23
CA SER B 48 -26.40 -8.41 -7.16
C SER B 48 -26.95 -8.85 -5.82
N GLU B 49 -26.11 -8.86 -4.80
CA GLU B 49 -26.57 -9.01 -3.42
C GLU B 49 -27.15 -10.39 -3.14
N LEU B 50 -26.45 -11.41 -3.61
CA LEU B 50 -26.90 -12.79 -3.44
C LEU B 50 -25.88 -13.60 -2.63
N ASP B 51 -24.97 -12.89 -1.96
CA ASP B 51 -23.96 -13.52 -1.10
C ASP B 51 -23.22 -14.67 -1.80
N LEU B 52 -23.11 -14.58 -3.12
CA LEU B 52 -22.45 -15.63 -3.89
C LEU B 52 -20.96 -15.62 -3.63
N LYS B 53 -20.37 -16.81 -3.52
CA LYS B 53 -18.93 -16.92 -3.24
C LYS B 53 -18.14 -17.27 -4.50
N THR B 54 -18.82 -17.77 -5.51
CA THR B 54 -18.19 -18.08 -6.80
C THR B 54 -19.21 -18.03 -7.91
N LEU B 55 -18.74 -18.21 -9.16
CA LEU B 55 -19.64 -18.21 -10.33
C LEU B 55 -19.24 -19.26 -11.38
N PRO B 56 -20.24 -19.85 -12.04
CA PRO B 56 -20.04 -20.76 -13.15
C PRO B 56 -20.03 -19.99 -14.45
N ASP B 57 -19.36 -20.53 -15.47
CA ASP B 57 -19.29 -19.84 -16.78
C ASP B 57 -20.65 -19.21 -17.10
N LEU B 58 -20.62 -18.01 -17.62
CA LEU B 58 -21.82 -17.21 -17.77
C LEU B 58 -22.33 -17.25 -19.19
N PRO B 59 -23.58 -16.78 -19.40
CA PRO B 59 -24.25 -16.63 -20.71
C PRO B 59 -23.47 -15.76 -21.67
N PRO B 60 -22.93 -16.35 -22.75
CA PRO B 60 -22.07 -15.63 -23.72
C PRO B 60 -22.71 -14.37 -24.34
N GLN B 61 -24.03 -14.36 -24.49
CA GLN B 61 -24.72 -13.26 -25.17
C GLN B 61 -24.63 -11.92 -24.43
N ILE B 62 -24.87 -11.94 -23.11
CA ILE B 62 -25.00 -10.70 -22.32
C ILE B 62 -23.94 -9.64 -22.66
N THR B 63 -24.38 -8.37 -22.64
CA THR B 63 -23.50 -7.23 -22.84
C THR B 63 -23.32 -6.46 -21.53
N THR B 64 -24.15 -6.79 -20.55
CA THR B 64 -24.04 -6.19 -19.22
C THR B 64 -23.98 -7.29 -18.16
N LEU B 65 -23.16 -7.06 -17.14
CA LEU B 65 -23.00 -8.02 -16.05
C LEU B 65 -22.97 -7.31 -14.70
N GLU B 66 -24.08 -7.38 -13.97
CA GLU B 66 -24.18 -6.76 -12.66
C GLU B 66 -24.07 -7.81 -11.56
N ILE B 67 -22.92 -7.83 -10.89
CA ILE B 67 -22.66 -8.79 -9.82
C ILE B 67 -22.08 -8.08 -8.59
N ARG B 68 -22.60 -6.89 -8.28
CA ARG B 68 -22.09 -6.09 -7.16
C ARG B 68 -22.51 -6.68 -5.82
N LYS B 69 -21.77 -6.32 -4.78
CA LYS B 69 -22.13 -6.69 -3.41
C LYS B 69 -22.30 -8.20 -3.25
N ASN B 70 -21.21 -8.93 -3.50
CA ASN B 70 -21.19 -10.36 -3.29
C ASN B 70 -19.97 -10.70 -2.43
N LEU B 71 -19.53 -11.95 -2.51
CA LEU B 71 -18.36 -12.39 -1.75
C LEU B 71 -17.32 -13.02 -2.67
N LEU B 72 -17.46 -12.76 -3.97
CA LEU B 72 -16.58 -13.36 -4.97
C LEU B 72 -15.14 -12.98 -4.76
N THR B 73 -14.26 -13.97 -4.80
CA THR B 73 -12.84 -13.73 -4.71
C THR B 73 -12.20 -13.79 -6.08
N HIS B 74 -12.79 -14.59 -6.97
CA HIS B 74 -12.34 -14.66 -8.37
C HIS B 74 -13.53 -14.69 -9.30
N LEU B 75 -13.28 -14.45 -10.58
CA LEU B 75 -14.33 -14.49 -11.58
C LEU B 75 -14.05 -15.54 -12.64
N PRO B 76 -15.10 -16.01 -13.31
CA PRO B 76 -14.92 -16.89 -14.47
C PRO B 76 -14.55 -16.08 -15.69
N ASP B 77 -14.23 -16.74 -16.80
CA ASP B 77 -13.99 -16.04 -18.05
C ASP B 77 -15.20 -15.16 -18.35
N LEU B 78 -15.02 -14.12 -19.14
CA LEU B 78 -16.07 -13.16 -19.35
C LEU B 78 -16.67 -13.24 -20.74
N PRO B 79 -18.01 -13.30 -20.83
CA PRO B 79 -18.69 -13.26 -22.12
C PRO B 79 -17.95 -12.35 -23.07
N PRO B 80 -17.56 -12.86 -24.23
CA PRO B 80 -16.70 -12.11 -25.14
C PRO B 80 -17.39 -10.91 -25.77
N MET B 81 -18.68 -10.72 -25.45
CA MET B 81 -19.45 -9.60 -26.00
C MET B 81 -19.63 -8.48 -24.97
N LEU B 82 -19.42 -8.80 -23.70
CA LEU B 82 -19.60 -7.84 -22.62
C LEU B 82 -19.15 -6.44 -22.99
N LYS B 83 -19.85 -5.45 -22.45
CA LYS B 83 -19.46 -4.06 -22.60
C LYS B 83 -19.46 -3.38 -21.23
N VAL B 84 -20.15 -3.98 -20.26
CA VAL B 84 -20.33 -3.39 -18.95
C VAL B 84 -20.20 -4.42 -17.82
N ILE B 85 -19.40 -4.09 -16.81
CA ILE B 85 -19.25 -4.93 -15.64
C ILE B 85 -19.36 -4.10 -14.38
N HIS B 86 -20.19 -4.56 -13.45
CA HIS B 86 -20.27 -3.96 -12.13
C HIS B 86 -19.93 -5.01 -11.09
N ALA B 87 -18.76 -4.88 -10.45
CA ALA B 87 -18.33 -5.86 -9.45
C ALA B 87 -17.72 -5.18 -8.22
N GLN B 88 -18.54 -4.41 -7.50
CA GLN B 88 -18.06 -3.70 -6.33
C GLN B 88 -18.37 -4.45 -5.04
N PHE B 89 -17.50 -4.30 -4.05
CA PHE B 89 -17.76 -4.80 -2.70
C PHE B 89 -17.65 -6.31 -2.59
N ASN B 90 -17.04 -6.93 -3.57
CA ASN B 90 -16.73 -8.33 -3.49
C ASN B 90 -15.38 -8.46 -2.80
N GLN B 91 -14.72 -9.59 -3.00
CA GLN B 91 -13.42 -9.80 -2.39
C GLN B 91 -12.41 -10.13 -3.48
N LEU B 92 -12.68 -9.63 -4.69
CA LEU B 92 -11.87 -9.95 -5.85
C LEU B 92 -10.39 -9.66 -5.63
N GLU B 93 -9.56 -10.64 -5.92
CA GLU B 93 -8.13 -10.50 -5.83
C GLU B 93 -7.52 -10.39 -7.22
N SER B 94 -8.23 -10.91 -8.21
CA SER B 94 -7.75 -10.91 -9.58
C SER B 94 -8.86 -10.50 -10.50
N LEU B 95 -8.51 -10.16 -11.71
CA LEU B 95 -9.48 -9.95 -12.75
C LEU B 95 -9.11 -10.76 -13.98
N PRO B 96 -10.11 -11.46 -14.56
CA PRO B 96 -9.90 -12.22 -15.77
C PRO B 96 -9.56 -11.32 -16.93
N ALA B 97 -9.02 -11.89 -18.00
CA ALA B 97 -8.78 -11.13 -19.21
C ALA B 97 -10.08 -10.42 -19.57
N LEU B 98 -9.96 -9.26 -20.21
CA LEU B 98 -11.12 -8.43 -20.49
C LEU B 98 -11.45 -8.41 -21.98
N PRO B 99 -12.73 -8.55 -22.31
CA PRO B 99 -13.20 -8.46 -23.70
C PRO B 99 -12.76 -7.18 -24.37
N GLU B 100 -12.36 -7.27 -25.64
CA GLU B 100 -12.03 -6.07 -26.38
C GLU B 100 -13.30 -5.19 -26.49
N THR B 101 -14.47 -5.83 -26.42
CA THR B 101 -15.75 -5.13 -26.49
C THR B 101 -16.00 -4.29 -25.23
N LEU B 102 -15.33 -4.65 -24.14
CA LEU B 102 -15.54 -3.96 -22.86
C LEU B 102 -15.23 -2.50 -22.97
N GLU B 103 -16.07 -1.67 -22.35
CA GLU B 103 -15.91 -0.22 -22.38
C GLU B 103 -16.13 0.45 -21.01
N GLU B 104 -16.81 -0.26 -20.09
CA GLU B 104 -17.07 0.25 -18.72
C GLU B 104 -16.82 -0.85 -17.66
N LEU B 105 -15.87 -0.60 -16.75
CA LEU B 105 -15.49 -1.59 -15.74
C LEU B 105 -15.44 -0.99 -14.32
N ASN B 106 -16.32 -1.48 -13.45
CA ASN B 106 -16.40 -1.00 -12.06
C ASN B 106 -16.09 -2.11 -11.08
N ALA B 107 -14.93 -2.02 -10.42
CA ALA B 107 -14.52 -3.01 -9.45
C ALA B 107 -14.14 -2.32 -8.13
N GLY B 108 -14.90 -1.29 -7.79
CA GLY B 108 -14.68 -0.58 -6.55
C GLY B 108 -14.75 -1.50 -5.34
N ASP B 109 -14.05 -1.12 -4.28
CA ASP B 109 -14.09 -1.84 -3.02
C ASP B 109 -13.92 -3.34 -3.16
N ASN B 110 -12.83 -3.74 -3.78
CA ASN B 110 -12.42 -5.13 -3.78
C ASN B 110 -11.04 -5.23 -3.17
N LYS B 111 -10.25 -6.20 -3.61
CA LYS B 111 -8.91 -6.39 -3.05
C LYS B 111 -7.88 -6.69 -4.12
N ILE B 112 -8.13 -6.16 -5.33
CA ILE B 112 -7.24 -6.36 -6.46
C ILE B 112 -5.88 -5.70 -6.24
N LYS B 113 -4.83 -6.32 -6.76
CA LYS B 113 -3.49 -5.77 -6.62
C LYS B 113 -2.96 -5.30 -7.97
N GLU B 114 -3.31 -6.02 -9.05
CA GLU B 114 -2.91 -5.64 -10.42
C GLU B 114 -4.08 -5.77 -11.37
N LEU B 115 -4.00 -5.08 -12.51
CA LEU B 115 -5.06 -5.17 -13.52
C LEU B 115 -4.55 -5.78 -14.83
N PRO B 116 -5.42 -6.50 -15.54
CA PRO B 116 -5.10 -7.07 -16.85
C PRO B 116 -5.09 -6.00 -17.93
N PHE B 117 -4.25 -6.17 -18.94
CA PHE B 117 -4.17 -5.19 -20.03
C PHE B 117 -5.59 -4.77 -20.40
N LEU B 118 -5.80 -3.47 -20.54
CA LEU B 118 -7.13 -2.92 -20.73
C LEU B 118 -7.45 -2.78 -22.22
N PRO B 119 -8.64 -3.22 -22.63
CA PRO B 119 -9.06 -3.10 -24.04
C PRO B 119 -8.98 -1.66 -24.52
N GLU B 120 -8.84 -1.47 -25.83
CA GLU B 120 -8.71 -0.13 -26.37
C GLU B 120 -10.05 0.61 -26.37
N ASN B 121 -11.13 -0.13 -26.38
CA ASN B 121 -12.45 0.49 -26.41
C ASN B 121 -13.01 0.80 -25.03
N LEU B 122 -12.16 0.75 -24.00
CA LEU B 122 -12.58 1.09 -22.64
C LEU B 122 -12.67 2.60 -22.49
N THR B 123 -13.71 3.06 -21.80
CA THR B 123 -13.94 4.50 -21.62
C THR B 123 -14.13 4.88 -20.14
N HIS B 124 -14.57 3.93 -19.33
CA HIS B 124 -14.83 4.18 -17.91
C HIS B 124 -14.16 3.11 -17.05
N LEU B 125 -13.32 3.55 -16.13
CA LEU B 125 -12.61 2.63 -15.27
C LEU B 125 -12.70 3.10 -13.83
N ARG B 126 -13.42 2.34 -13.00
CA ARG B 126 -13.58 2.66 -11.58
C ARG B 126 -13.08 1.54 -10.69
N VAL B 127 -11.81 1.60 -10.32
CA VAL B 127 -11.22 0.57 -9.50
C VAL B 127 -10.67 1.15 -8.20
N HIS B 128 -11.46 2.01 -7.57
CA HIS B 128 -11.06 2.62 -6.33
C HIS B 128 -11.08 1.58 -5.19
N ASN B 129 -10.58 1.99 -4.02
CA ASN B 129 -10.60 1.14 -2.85
C ASN B 129 -10.16 -0.28 -3.13
N ASN B 130 -9.06 -0.43 -3.83
CA ASN B 130 -8.45 -1.72 -4.03
C ASN B 130 -7.06 -1.72 -3.42
N ARG B 131 -6.17 -2.53 -3.97
CA ARG B 131 -4.79 -2.60 -3.47
C ARG B 131 -3.81 -2.42 -4.63
N LEU B 132 -4.26 -1.73 -5.67
CA LEU B 132 -3.44 -1.51 -6.83
C LEU B 132 -2.11 -0.88 -6.43
N HIS B 133 -1.03 -1.47 -6.88
CA HIS B 133 0.30 -0.93 -6.63
C HIS B 133 0.91 -0.47 -7.94
N ILE B 134 0.16 -0.65 -9.01
CA ILE B 134 0.61 -0.25 -10.33
C ILE B 134 -0.57 -0.30 -11.28
N LEU B 135 -0.59 0.61 -12.25
CA LEU B 135 -1.63 0.62 -13.24
C LEU B 135 -1.06 0.19 -14.57
N PRO B 136 -1.86 -0.50 -15.37
CA PRO B 136 -1.45 -0.77 -16.74
C PRO B 136 -1.52 0.51 -17.56
N LEU B 137 -0.98 0.50 -18.77
CA LEU B 137 -1.12 1.64 -19.64
C LEU B 137 -2.60 1.86 -19.86
N LEU B 138 -2.99 3.10 -20.09
CA LEU B 138 -4.40 3.43 -20.23
C LEU B 138 -4.85 3.44 -21.71
N PRO B 139 -6.08 3.02 -21.96
CA PRO B 139 -6.69 3.02 -23.29
C PRO B 139 -6.84 4.42 -23.82
N PRO B 140 -6.72 4.57 -25.14
CA PRO B 140 -6.74 5.90 -25.76
C PRO B 140 -8.12 6.56 -25.69
N GLU B 141 -9.16 5.76 -25.55
CA GLU B 141 -10.51 6.28 -25.53
C GLU B 141 -11.05 6.40 -24.12
N LEU B 142 -10.17 6.24 -23.14
CA LEU B 142 -10.58 6.34 -21.73
C LEU B 142 -10.97 7.78 -21.44
N LYS B 143 -12.11 7.95 -20.76
CA LYS B 143 -12.66 9.28 -20.44
C LYS B 143 -12.77 9.51 -18.91
N LEU B 144 -12.97 8.45 -18.16
CA LEU B 144 -13.03 8.56 -16.70
C LEU B 144 -12.13 7.52 -16.04
N LEU B 145 -11.20 7.99 -15.24
CA LEU B 145 -10.33 7.12 -14.49
C LEU B 145 -10.48 7.40 -12.99
N VAL B 146 -10.75 6.34 -12.23
CA VAL B 146 -10.98 6.48 -10.80
C VAL B 146 -10.23 5.43 -10.00
N VAL B 147 -9.08 5.82 -9.45
CA VAL B 147 -8.22 4.89 -8.72
C VAL B 147 -7.87 5.39 -7.32
N SER B 148 -8.82 6.07 -6.68
CA SER B 148 -8.59 6.54 -5.33
C SER B 148 -8.61 5.38 -4.36
N GLY B 149 -7.85 5.49 -3.26
CA GLY B 149 -7.90 4.49 -2.20
C GLY B 149 -7.00 3.29 -2.42
N ASN B 150 -6.17 3.38 -3.46
CA ASN B 150 -5.25 2.30 -3.78
C ASN B 150 -3.88 2.54 -3.15
N ARG B 151 -2.85 1.89 -3.71
CA ARG B 151 -1.50 1.94 -3.13
C ARG B 151 -0.48 2.29 -4.21
N LEU B 152 -0.68 3.43 -4.87
CA LEU B 152 0.17 3.82 -5.99
C LEU B 152 1.18 4.86 -5.58
N ASP B 153 2.43 4.72 -6.04
CA ASP B 153 3.43 5.78 -5.86
C ASP B 153 3.70 6.49 -7.18
N SER B 154 3.33 5.84 -8.27
CA SER B 154 3.50 6.41 -9.60
C SER B 154 2.27 6.11 -10.42
N ILE B 155 2.24 6.62 -11.63
CA ILE B 155 1.08 6.42 -12.51
C ILE B 155 1.44 6.77 -13.96
N PRO B 156 1.02 5.93 -14.90
CA PRO B 156 1.32 6.17 -16.30
C PRO B 156 0.66 7.45 -16.81
N PRO B 157 1.03 7.89 -18.02
CA PRO B 157 0.45 9.06 -18.66
C PRO B 157 -1.04 8.85 -19.00
N PHE B 158 -1.72 9.94 -19.35
CA PHE B 158 -3.16 9.90 -19.58
C PHE B 158 -3.52 10.04 -21.06
N PRO B 159 -4.57 9.35 -21.50
CA PRO B 159 -5.11 9.51 -22.87
C PRO B 159 -5.53 10.94 -23.18
N ASP B 160 -5.58 11.28 -24.46
CA ASP B 160 -5.91 12.65 -24.88
C ASP B 160 -7.35 13.03 -24.55
N LYS B 161 -8.19 12.03 -24.33
CA LYS B 161 -9.61 12.27 -24.21
C LYS B 161 -10.11 12.16 -22.78
N LEU B 162 -9.22 11.87 -21.84
CA LEU B 162 -9.60 11.75 -20.41
C LEU B 162 -10.22 13.06 -19.90
N GLU B 163 -11.41 12.96 -19.30
CA GLU B 163 -12.16 14.15 -18.85
C GLU B 163 -12.20 14.24 -17.33
N GLY B 164 -12.26 13.09 -16.67
CA GLY B 164 -12.32 13.03 -15.21
C GLY B 164 -11.26 12.10 -14.64
N LEU B 165 -10.49 12.60 -13.68
CA LEU B 165 -9.47 11.81 -13.02
C LEU B 165 -9.56 11.95 -11.52
N ALA B 166 -9.66 10.81 -10.85
CA ALA B 166 -9.68 10.77 -9.41
C ALA B 166 -8.69 9.70 -8.92
N LEU B 167 -7.60 10.15 -8.32
CA LEU B 167 -6.59 9.24 -7.81
C LEU B 167 -6.22 9.58 -6.36
N ALA B 168 -7.19 10.10 -5.62
CA ALA B 168 -6.94 10.55 -4.26
C ALA B 168 -6.59 9.41 -3.34
N ASN B 169 -5.99 9.74 -2.22
CA ASN B 169 -5.61 8.76 -1.21
C ASN B 169 -4.73 7.71 -1.80
N ASN B 170 -3.62 8.15 -2.41
CA ASN B 170 -2.56 7.24 -2.83
C ASN B 170 -1.22 7.77 -2.28
N PHE B 171 -0.11 7.41 -2.92
CA PHE B 171 1.22 7.89 -2.50
C PHE B 171 1.99 8.43 -3.69
N ILE B 172 1.26 8.90 -4.70
CA ILE B 172 1.84 9.34 -5.94
C ILE B 172 2.76 10.53 -5.70
N GLU B 173 3.94 10.48 -6.33
CA GLU B 173 5.00 11.50 -6.11
C GLU B 173 5.09 12.48 -7.27
N GLN B 174 4.78 12.02 -8.47
CA GLN B 174 4.86 12.84 -9.66
C GLN B 174 3.64 12.62 -10.57
N LEU B 175 3.12 13.71 -11.13
CA LEU B 175 1.90 13.67 -11.93
C LEU B 175 2.20 13.95 -13.40
N PRO B 176 1.77 13.06 -14.29
CA PRO B 176 1.95 13.26 -15.72
C PRO B 176 1.22 14.48 -16.19
N GLU B 177 1.59 14.98 -17.37
CA GLU B 177 0.92 16.13 -17.93
C GLU B 177 -0.56 15.81 -18.05
N LEU B 178 -1.40 16.84 -17.97
CA LEU B 178 -2.85 16.67 -18.00
C LEU B 178 -3.45 17.08 -19.33
N PRO B 179 -4.11 16.15 -20.02
CA PRO B 179 -4.73 16.45 -21.28
C PRO B 179 -5.69 17.57 -21.12
N PHE B 180 -5.84 18.40 -22.14
CA PHE B 180 -6.75 19.54 -22.03
C PHE B 180 -8.19 19.07 -21.90
N SER B 181 -8.45 17.84 -22.32
CA SER B 181 -9.76 17.25 -22.16
C SER B 181 -10.15 17.20 -20.68
N MET B 182 -9.15 17.27 -19.80
CA MET B 182 -9.40 17.19 -18.37
C MET B 182 -10.34 18.28 -17.90
N ASN B 183 -11.28 17.90 -17.07
CA ASN B 183 -12.27 18.83 -16.56
C ASN B 183 -12.35 18.72 -15.04
N ARG B 184 -12.07 17.53 -14.52
CA ARG B 184 -12.12 17.27 -13.09
C ARG B 184 -10.90 16.46 -12.67
N ALA B 185 -10.02 17.07 -11.90
CA ALA B 185 -8.84 16.38 -11.43
C ALA B 185 -8.83 16.34 -9.91
N VAL B 186 -8.96 15.15 -9.35
CA VAL B 186 -9.00 14.97 -7.90
C VAL B 186 -7.73 14.29 -7.39
N LEU B 187 -6.73 15.09 -7.07
CA LEU B 187 -5.43 14.58 -6.65
C LEU B 187 -5.21 14.96 -5.20
N MET B 188 -5.47 14.05 -4.30
CA MET B 188 -5.55 14.44 -2.89
C MET B 188 -4.93 13.45 -1.96
N ASN B 189 -4.04 13.96 -1.11
CA ASN B 189 -3.40 13.17 -0.10
C ASN B 189 -2.39 12.22 -0.72
N ASN B 190 -1.79 12.68 -1.82
CA ASN B 190 -0.64 12.02 -2.43
C ASN B 190 0.61 12.82 -2.06
N ASN B 191 1.76 12.42 -2.63
CA ASN B 191 3.03 13.02 -2.29
C ASN B 191 3.54 13.93 -3.39
N LEU B 192 2.62 14.65 -4.02
CA LEU B 192 3.01 15.66 -4.97
C LEU B 192 3.73 16.81 -4.25
N THR B 193 4.84 17.27 -4.82
CA THR B 193 5.55 18.41 -4.28
C THR B 193 5.63 19.48 -5.34
N THR B 194 5.37 19.07 -6.58
CA THR B 194 5.38 19.95 -7.72
C THR B 194 4.06 19.78 -8.48
N LEU B 195 3.96 20.40 -9.64
CA LEU B 195 2.77 20.23 -10.50
C LEU B 195 3.12 20.48 -11.96
N PRO B 196 2.69 19.58 -12.85
CA PRO B 196 2.93 19.74 -14.28
C PRO B 196 2.49 21.08 -14.77
N GLU B 197 3.23 21.65 -15.70
CA GLU B 197 2.92 22.94 -16.20
C GLU B 197 1.53 22.96 -16.87
N SER B 198 1.05 21.78 -17.24
CA SER B 198 -0.19 21.67 -18.01
C SER B 198 -1.47 21.99 -17.21
N VAL B 199 -1.40 21.96 -15.87
CA VAL B 199 -2.60 22.21 -15.06
C VAL B 199 -3.01 23.66 -15.16
N LEU B 200 -2.05 24.53 -15.45
CA LEU B 200 -2.35 25.94 -15.64
C LEU B 200 -2.94 26.19 -17.03
N ARG B 201 -2.78 25.21 -17.93
CA ARG B 201 -3.25 25.35 -19.30
C ARG B 201 -4.61 24.64 -19.54
N LEU B 202 -5.35 24.37 -18.47
CA LEU B 202 -6.64 23.73 -18.61
C LEU B 202 -7.74 24.76 -18.84
N ALA B 203 -8.95 24.26 -19.05
CA ALA B 203 -10.10 25.14 -19.29
C ALA B 203 -10.45 25.89 -18.03
N GLN B 204 -11.12 27.02 -18.17
CA GLN B 204 -11.51 27.82 -17.03
C GLN B 204 -12.63 27.15 -16.31
N ASN B 205 -13.46 26.43 -17.05
CA ASN B 205 -14.56 25.69 -16.46
C ASN B 205 -14.08 24.42 -15.75
N ALA B 206 -12.76 24.27 -15.63
CA ALA B 206 -12.19 23.07 -15.02
C ALA B 206 -11.70 23.36 -13.63
N PHE B 207 -11.37 22.31 -12.90
CA PHE B 207 -10.91 22.45 -11.53
C PHE B 207 -9.99 21.32 -11.12
N VAL B 208 -8.95 21.67 -10.40
CA VAL B 208 -7.99 20.72 -9.94
C VAL B 208 -7.90 20.82 -8.44
N ASN B 209 -8.11 19.71 -7.75
CA ASN B 209 -7.96 19.68 -6.30
C ASN B 209 -6.69 18.92 -5.89
N VAL B 210 -5.72 19.66 -5.36
CA VAL B 210 -4.44 19.05 -4.95
C VAL B 210 -4.25 19.12 -3.43
N ALA B 211 -5.30 19.49 -2.71
CA ALA B 211 -5.24 19.54 -1.25
C ALA B 211 -4.75 18.21 -0.69
N GLY B 212 -4.00 18.28 0.41
CA GLY B 212 -3.47 17.11 1.05
C GLY B 212 -2.02 16.87 0.65
N ASN B 213 -1.71 17.19 -0.60
CA ASN B 213 -0.34 17.00 -1.10
C ASN B 213 0.62 17.97 -0.46
N PRO B 214 1.87 17.56 -0.31
CA PRO B 214 2.93 18.37 0.26
C PRO B 214 3.62 19.23 -0.79
N LEU B 215 2.87 20.14 -1.39
CA LEU B 215 3.42 21.03 -2.39
C LEU B 215 4.51 21.94 -1.81
N SER B 216 5.64 22.03 -2.52
CA SER B 216 6.73 22.86 -2.09
C SER B 216 6.29 24.31 -1.99
N GLY B 217 7.05 25.12 -1.27
CA GLY B 217 6.78 26.54 -1.19
C GLY B 217 6.88 27.20 -2.56
N HIS B 218 7.96 26.88 -3.29
CA HIS B 218 8.15 27.43 -4.61
C HIS B 218 6.90 27.20 -5.48
N THR B 219 6.37 25.98 -5.44
CA THR B 219 5.21 25.64 -6.27
C THR B 219 4.00 26.45 -5.83
N MET B 220 3.83 26.60 -4.53
CA MET B 220 2.72 27.39 -3.98
C MET B 220 2.84 28.85 -4.41
N ARG B 221 3.97 29.48 -4.08
CA ARG B 221 4.17 30.91 -4.36
C ARG B 221 4.03 31.21 -5.85
N THR B 222 4.35 30.23 -6.68
CA THR B 222 4.19 30.39 -8.12
C THR B 222 2.71 30.39 -8.47
N LEU B 223 2.02 29.32 -8.10
CA LEU B 223 0.59 29.18 -8.37
C LEU B 223 -0.15 30.41 -7.88
N GLN B 224 0.30 30.95 -6.76
CA GLN B 224 -0.31 32.15 -6.18
C GLN B 224 -0.22 33.32 -7.16
N GLN B 225 1.00 33.68 -7.54
CA GLN B 225 1.21 34.83 -8.41
C GLN B 225 0.46 34.68 -9.73
N ILE B 226 0.52 33.48 -10.30
CA ILE B 226 -0.07 33.24 -11.61
C ILE B 226 -1.59 33.35 -11.59
N THR B 227 -2.22 32.61 -10.68
CA THR B 227 -3.69 32.54 -10.63
C THR B 227 -4.33 33.84 -10.18
N THR B 228 -3.61 34.64 -9.40
CA THR B 228 -4.13 35.92 -8.94
C THR B 228 -3.97 36.98 -9.98
N GLY B 229 -3.17 36.69 -11.01
CA GLY B 229 -3.01 37.58 -12.15
C GLY B 229 -4.35 37.90 -12.77
N PRO B 230 -4.44 39.02 -13.49
CA PRO B 230 -5.71 39.46 -14.01
C PRO B 230 -6.01 38.83 -15.36
N ASP B 231 -5.06 38.07 -15.89
CA ASP B 231 -5.22 37.43 -17.19
C ASP B 231 -5.43 35.92 -17.08
N TYR B 232 -5.50 35.42 -15.85
CA TYR B 232 -5.53 33.99 -15.63
C TYR B 232 -6.72 33.34 -16.32
N SER B 233 -6.42 32.49 -17.31
CA SER B 233 -7.45 31.72 -18.02
C SER B 233 -7.23 30.21 -17.79
N GLY B 234 -6.85 29.88 -16.55
CA GLY B 234 -6.65 28.50 -16.16
C GLY B 234 -7.79 28.02 -15.31
N PRO B 235 -7.63 26.84 -14.69
CA PRO B 235 -8.69 26.24 -13.90
C PRO B 235 -8.71 26.72 -12.46
N ARG B 236 -9.78 26.43 -11.75
CA ARG B 236 -9.83 26.66 -10.33
C ARG B 236 -9.00 25.57 -9.68
N ILE B 237 -8.18 25.95 -8.70
CA ILE B 237 -7.33 24.99 -8.00
C ILE B 237 -7.59 25.01 -6.51
N PHE B 238 -7.89 23.85 -5.95
CA PHE B 238 -8.09 23.71 -4.52
C PHE B 238 -6.87 23.11 -3.90
N PHE B 239 -6.48 23.65 -2.75
CA PHE B 239 -5.37 23.11 -2.00
C PHE B 239 -5.66 23.27 -0.52
N SER B 240 -4.71 22.88 0.33
CA SER B 240 -4.93 22.92 1.79
C SER B 240 -3.65 23.22 2.56
N MET B 241 -3.80 23.51 3.85
CA MET B 241 -2.66 23.69 4.73
C MET B 241 -2.93 22.96 6.03
N GLY B 242 -1.86 22.60 6.75
CA GLY B 242 -1.99 21.88 8.03
C GLY B 242 -2.49 20.45 7.85
N ASN B 243 -2.18 19.87 6.69
CA ASN B 243 -2.70 18.56 6.31
C ASN B 243 -2.51 17.54 7.43
#